data_6THK
#
_entry.id   6THK
#
_cell.length_a   50.240
_cell.length_b   53.870
_cell.length_c   104.800
_cell.angle_alpha   90.000
_cell.angle_beta   95.150
_cell.angle_gamma   90.000
#
_symmetry.space_group_name_H-M   'P 1 21 1'
#
loop_
_entity.id
_entity.type
_entity.pdbx_description
1 polymer 'Pyocin S5'
2 non-polymer GLYCEROL
3 non-polymer 'ZINC ION'
4 water water
#
_entity_poly.entity_id   1
_entity_poly.type   'polypeptide(L)'
_entity_poly.pdbx_seq_one_letter_code
;MSNDNEVPGSMVIVAQGPDDQYAYEVPPIDSAAVAGNMFGDLIQREIYLQKNIYYPVRSIFEQGTKEKKEINKKVSDQVD
GLLKQITQGKREATRQERVDVMSAVLHKMESDLEGYKKTFTKGPFIDYEKQSSLSIYEAWVKIWEKNSWEERKKYPFQQL
VRDELERAVAYYKQDSLSEAVKVLRQELNKQKALKEKEDLSQLERDYRTRKANLQMKVQSELDQAGSALPPLVSPTPEQW
LERATRLVTQAIADKKQLQTTNNTLIKNSPTPLEKQKAIYNGELLVDEIASLQARLVKLNAETTRRRTEAERKAAEEQAL
QDAIKFTADFYKEVTEKFGARTSEMARQLAEGARGKNIRSSAEAIKSFEKHKDALNKKLSLKDRQAIAKAFDSLDKQMMA
KSLEKFSKGFGVVGKAIDAASLYQEFKISTETGDWKPFFVKIETLAAGAAASWLVGIAFATATATPIGILGFALVMAVTG
AMIDEDLLEKANNLVISILEHHHHHH
;
_entity_poly.pdbx_strand_id   A
#
# COMPACT_ATOMS: atom_id res chain seq x y z
N GLY A 40 -70.50 -35.02 -66.60
CA GLY A 40 -70.63 -35.76 -67.85
C GLY A 40 -69.76 -35.25 -68.96
N ASP A 41 -70.38 -34.41 -69.81
CA ASP A 41 -69.78 -33.74 -70.98
C ASP A 41 -68.37 -33.15 -70.69
N LEU A 42 -67.45 -33.23 -71.65
CA LEU A 42 -66.09 -32.67 -71.58
C LEU A 42 -66.04 -31.12 -71.40
N ILE A 43 -67.07 -30.41 -71.85
CA ILE A 43 -67.24 -28.96 -71.70
C ILE A 43 -67.57 -28.68 -70.21
N GLN A 44 -68.46 -29.51 -69.59
CA GLN A 44 -68.84 -29.40 -68.17
C GLN A 44 -67.62 -29.55 -67.28
N ARG A 45 -66.77 -30.54 -67.60
CA ARG A 45 -65.52 -30.84 -66.89
C ARG A 45 -64.58 -29.63 -66.96
N GLU A 46 -64.36 -29.08 -68.18
CA GLU A 46 -63.55 -27.89 -68.45
C GLU A 46 -64.07 -26.63 -67.74
N ILE A 47 -65.40 -26.51 -67.60
CA ILE A 47 -66.04 -25.40 -66.90
C ILE A 47 -65.79 -25.61 -65.39
N TYR A 48 -66.01 -26.85 -64.89
CA TYR A 48 -65.79 -27.20 -63.48
C TYR A 48 -64.32 -26.92 -63.09
N LEU A 49 -63.34 -27.44 -63.87
CA LEU A 49 -61.91 -27.24 -63.61
C LEU A 49 -61.54 -25.75 -63.57
N GLN A 50 -62.08 -24.94 -64.51
CA GLN A 50 -61.81 -23.49 -64.55
C GLN A 50 -62.39 -22.77 -63.36
N LYS A 51 -63.70 -22.96 -63.10
CA LYS A 51 -64.41 -22.29 -62.02
C LYS A 51 -63.94 -22.66 -60.61
N ASN A 52 -63.71 -23.96 -60.35
CA ASN A 52 -63.43 -24.50 -59.03
C ASN A 52 -61.96 -24.69 -58.68
N ILE A 53 -61.11 -24.86 -59.69
CA ILE A 53 -59.68 -25.08 -59.47
C ILE A 53 -58.83 -23.93 -60.05
N TYR A 54 -58.77 -23.74 -61.39
CA TYR A 54 -57.88 -22.73 -61.98
C TYR A 54 -58.13 -21.28 -61.53
N TYR A 55 -59.36 -20.76 -61.65
CA TYR A 55 -59.67 -19.37 -61.30
C TYR A 55 -59.41 -19.09 -59.79
N PRO A 56 -59.84 -19.95 -58.82
CA PRO A 56 -59.53 -19.69 -57.40
C PRO A 56 -58.02 -19.79 -57.06
N VAL A 57 -57.37 -20.85 -57.53
CA VAL A 57 -55.96 -21.07 -57.25
C VAL A 57 -55.08 -19.97 -57.80
N ARG A 58 -55.41 -19.51 -58.99
CA ARG A 58 -54.65 -18.45 -59.62
C ARG A 58 -54.74 -17.17 -58.80
N SER A 59 -55.91 -16.86 -58.25
CA SER A 59 -56.07 -15.67 -57.42
C SER A 59 -55.24 -15.77 -56.14
N ILE A 60 -55.26 -16.93 -55.52
CA ILE A 60 -54.50 -17.23 -54.29
C ILE A 60 -53.01 -17.01 -54.53
N PHE A 61 -52.52 -17.49 -55.67
CA PHE A 61 -51.15 -17.39 -56.11
C PHE A 61 -50.77 -15.94 -56.41
N GLU A 62 -51.69 -15.17 -57.00
CA GLU A 62 -51.52 -13.76 -57.31
C GLU A 62 -51.43 -12.94 -56.01
N GLN A 63 -52.36 -13.17 -55.05
CA GLN A 63 -52.37 -12.52 -53.73
C GLN A 63 -51.12 -12.92 -52.96
N GLY A 64 -50.75 -14.20 -53.04
CA GLY A 64 -49.57 -14.79 -52.42
C GLY A 64 -48.28 -14.08 -52.80
N THR A 65 -48.04 -13.90 -54.12
CA THR A 65 -46.87 -13.19 -54.65
C THR A 65 -46.91 -11.71 -54.27
N LYS A 66 -48.12 -11.08 -54.27
CA LYS A 66 -48.29 -9.67 -53.92
C LYS A 66 -47.81 -9.44 -52.48
N GLU A 67 -48.18 -10.34 -51.56
CA GLU A 67 -47.81 -10.30 -50.15
C GLU A 67 -46.31 -10.47 -49.97
N LYS A 68 -45.69 -11.47 -50.66
CA LYS A 68 -44.25 -11.73 -50.59
C LYS A 68 -43.42 -10.56 -51.09
N LYS A 69 -43.97 -9.77 -52.00
CA LYS A 69 -43.28 -8.61 -52.55
C LYS A 69 -43.31 -7.45 -51.54
N GLU A 70 -44.39 -7.35 -50.73
CA GLU A 70 -44.60 -6.26 -49.77
C GLU A 70 -44.35 -6.55 -48.27
N ILE A 71 -44.04 -7.83 -47.91
CA ILE A 71 -43.86 -8.25 -46.50
C ILE A 71 -42.70 -7.55 -45.78
N ASN A 72 -41.47 -7.56 -46.36
CA ASN A 72 -40.27 -6.95 -45.76
C ASN A 72 -40.50 -5.47 -45.46
N LYS A 73 -41.11 -4.73 -46.41
CA LYS A 73 -41.47 -3.32 -46.29
C LYS A 73 -42.48 -3.11 -45.15
N LYS A 74 -43.53 -3.97 -45.05
CA LYS A 74 -44.54 -3.89 -44.00
C LYS A 74 -43.98 -4.24 -42.61
N VAL A 75 -43.04 -5.20 -42.56
CA VAL A 75 -42.37 -5.66 -41.32
C VAL A 75 -41.47 -4.52 -40.81
N SER A 76 -40.63 -3.96 -41.69
CA SER A 76 -39.74 -2.84 -41.38
C SER A 76 -40.51 -1.63 -40.87
N ASP A 77 -41.69 -1.37 -41.44
CA ASP A 77 -42.52 -0.26 -41.05
C ASP A 77 -43.24 -0.47 -39.71
N GLN A 78 -43.51 -1.74 -39.31
CA GLN A 78 -44.15 -2.00 -38.01
C GLN A 78 -43.14 -1.79 -36.90
N VAL A 79 -41.88 -2.21 -37.15
CA VAL A 79 -40.75 -2.06 -36.23
C VAL A 79 -40.52 -0.56 -35.92
N ASP A 80 -40.36 0.26 -36.98
CA ASP A 80 -40.14 1.71 -36.93
C ASP A 80 -41.30 2.47 -36.30
N GLY A 81 -42.54 2.12 -36.67
CA GLY A 81 -43.75 2.75 -36.16
C GLY A 81 -43.91 2.52 -34.68
N LEU A 82 -43.52 1.33 -34.21
CA LEU A 82 -43.57 0.93 -32.80
C LEU A 82 -42.43 1.60 -32.01
N LEU A 83 -41.23 1.73 -32.64
CA LEU A 83 -40.08 2.40 -32.03
C LEU A 83 -40.39 3.88 -31.84
N LYS A 84 -41.07 4.49 -32.84
CA LYS A 84 -41.50 5.89 -32.81
C LYS A 84 -42.55 6.11 -31.73
N GLN A 85 -43.29 5.07 -31.35
CA GLN A 85 -44.29 5.18 -30.30
C GLN A 85 -43.62 5.25 -28.93
N ILE A 86 -42.62 4.36 -28.69
CA ILE A 86 -41.86 4.30 -27.44
C ILE A 86 -41.09 5.60 -27.17
N THR A 87 -40.36 6.11 -28.18
CA THR A 87 -39.55 7.34 -28.08
C THR A 87 -40.37 8.63 -28.18
N GLN A 88 -41.59 8.53 -28.77
CA GLN A 88 -42.55 9.64 -29.02
C GLN A 88 -41.98 10.72 -29.97
N GLY A 89 -41.04 10.30 -30.83
CA GLY A 89 -40.35 11.13 -31.83
C GLY A 89 -39.62 12.33 -31.26
N LYS A 90 -39.25 12.25 -29.96
CA LYS A 90 -38.56 13.28 -29.19
C LYS A 90 -37.04 13.04 -29.20
N ARG A 91 -36.64 11.77 -29.33
CA ARG A 91 -35.25 11.33 -29.36
C ARG A 91 -35.13 10.06 -30.21
N GLU A 92 -33.89 9.68 -30.58
CA GLU A 92 -33.59 8.46 -31.33
C GLU A 92 -33.60 7.27 -30.36
N ALA A 93 -34.08 6.10 -30.83
CA ALA A 93 -34.17 4.89 -30.03
C ALA A 93 -32.80 4.29 -29.77
N THR A 94 -32.63 3.72 -28.58
CA THR A 94 -31.40 3.05 -28.18
C THR A 94 -31.32 1.73 -28.94
N ARG A 95 -30.14 1.12 -28.91
CA ARG A 95 -29.93 -0.15 -29.56
C ARG A 95 -30.73 -1.22 -28.82
N GLN A 96 -30.89 -1.07 -27.52
CA GLN A 96 -31.65 -2.02 -26.74
C GLN A 96 -33.12 -1.95 -27.11
N GLU A 97 -33.63 -0.74 -27.25
CA GLU A 97 -35.02 -0.50 -27.64
C GLU A 97 -35.36 -1.13 -29.00
N ARG A 98 -34.42 -1.05 -29.97
CA ARG A 98 -34.48 -1.60 -31.32
C ARG A 98 -34.54 -3.12 -31.26
N VAL A 99 -33.62 -3.74 -30.50
CA VAL A 99 -33.51 -5.20 -30.30
C VAL A 99 -34.80 -5.75 -29.67
N ASP A 100 -35.33 -5.04 -28.65
CA ASP A 100 -36.54 -5.43 -27.92
C ASP A 100 -37.81 -5.45 -28.79
N VAL A 101 -38.01 -4.41 -29.62
CA VAL A 101 -39.15 -4.30 -30.53
C VAL A 101 -39.03 -5.36 -31.64
N MET A 102 -37.88 -5.43 -32.31
CA MET A 102 -37.60 -6.41 -33.37
C MET A 102 -37.79 -7.83 -32.88
N SER A 103 -37.40 -8.14 -31.61
CA SER A 103 -37.58 -9.48 -31.05
C SER A 103 -39.07 -9.79 -30.86
N ALA A 104 -39.85 -8.81 -30.32
CA ALA A 104 -41.28 -8.91 -30.05
C ALA A 104 -42.07 -9.19 -31.34
N VAL A 105 -41.72 -8.45 -32.42
CA VAL A 105 -42.32 -8.57 -33.74
C VAL A 105 -41.99 -9.95 -34.34
N LEU A 106 -40.71 -10.38 -34.23
CA LEU A 106 -40.22 -11.66 -34.71
C LEU A 106 -40.89 -12.82 -34.02
N HIS A 107 -41.14 -12.70 -32.70
CA HIS A 107 -41.79 -13.77 -31.94
C HIS A 107 -43.23 -14.01 -32.40
N LYS A 108 -43.93 -12.91 -32.76
CA LYS A 108 -45.30 -12.93 -33.28
C LYS A 108 -45.33 -13.54 -34.69
N MET A 109 -44.34 -13.18 -35.53
CA MET A 109 -44.17 -13.67 -36.89
C MET A 109 -43.86 -15.15 -36.92
N GLU A 110 -43.00 -15.64 -36.00
CA GLU A 110 -42.62 -17.04 -35.87
C GLU A 110 -43.82 -17.91 -35.43
N SER A 111 -44.72 -17.38 -34.57
CA SER A 111 -45.88 -18.12 -34.09
C SER A 111 -46.94 -18.26 -35.17
N ASP A 112 -47.12 -17.20 -36.00
CA ASP A 112 -48.02 -17.20 -37.15
C ASP A 112 -47.46 -18.15 -38.19
N LEU A 113 -46.10 -18.13 -38.41
CA LEU A 113 -45.40 -19.02 -39.33
C LEU A 113 -45.69 -20.48 -38.95
N GLU A 114 -45.56 -20.84 -37.65
CA GLU A 114 -45.83 -22.18 -37.13
C GLU A 114 -47.28 -22.61 -37.37
N GLY A 115 -48.23 -21.68 -37.23
CA GLY A 115 -49.65 -21.90 -37.44
C GLY A 115 -50.00 -22.24 -38.88
N TYR A 116 -49.54 -21.38 -39.82
CA TYR A 116 -49.73 -21.56 -41.26
C TYR A 116 -48.98 -22.80 -41.75
N LYS A 117 -47.78 -23.05 -41.18
CA LYS A 117 -46.97 -24.23 -41.52
C LYS A 117 -47.63 -25.51 -41.01
N LYS A 118 -48.46 -25.43 -39.96
CA LYS A 118 -49.19 -26.59 -39.42
C LYS A 118 -50.37 -26.98 -40.32
N THR A 119 -51.15 -25.97 -40.79
CA THR A 119 -52.31 -26.13 -41.67
C THR A 119 -51.89 -26.75 -43.01
N PHE A 120 -50.82 -26.20 -43.62
CA PHE A 120 -50.25 -26.69 -44.87
C PHE A 120 -49.79 -28.15 -44.73
N THR A 121 -49.15 -28.47 -43.58
CA THR A 121 -48.63 -29.80 -43.22
C THR A 121 -49.71 -30.90 -43.28
N LYS A 122 -50.96 -30.57 -42.87
CA LYS A 122 -52.13 -31.47 -42.85
C LYS A 122 -52.37 -32.29 -44.16
N GLY A 123 -51.86 -31.80 -45.30
CA GLY A 123 -51.99 -32.47 -46.59
C GLY A 123 -50.69 -32.59 -47.37
N PRO A 124 -50.71 -33.19 -48.55
CA PRO A 124 -49.49 -33.34 -49.35
C PRO A 124 -49.02 -32.03 -50.00
N PHE A 125 -47.78 -32.00 -50.47
CA PHE A 125 -47.23 -30.82 -51.10
C PHE A 125 -47.62 -30.71 -52.58
N ILE A 126 -48.36 -29.65 -52.88
CA ILE A 126 -48.77 -29.36 -54.24
C ILE A 126 -48.21 -27.97 -54.59
N ASP A 127 -47.31 -27.88 -55.60
CA ASP A 127 -46.75 -26.60 -56.00
C ASP A 127 -47.72 -26.02 -57.01
N TYR A 128 -48.81 -25.42 -56.47
CA TYR A 128 -49.98 -24.85 -57.17
C TYR A 128 -49.68 -24.12 -58.47
N GLU A 129 -48.72 -23.18 -58.44
CA GLU A 129 -48.32 -22.36 -59.58
C GLU A 129 -47.79 -23.18 -60.77
N LYS A 130 -47.16 -24.34 -60.50
CA LYS A 130 -46.54 -25.14 -61.54
C LYS A 130 -47.38 -26.34 -62.01
N GLN A 131 -48.60 -26.49 -61.47
CA GLN A 131 -49.52 -27.58 -61.83
C GLN A 131 -50.66 -27.13 -62.74
N SER A 132 -51.15 -28.05 -63.58
CA SER A 132 -52.32 -27.82 -64.43
C SER A 132 -53.54 -27.96 -63.52
N SER A 133 -54.68 -27.37 -63.92
CA SER A 133 -55.92 -27.49 -63.13
C SER A 133 -56.36 -28.96 -62.97
N LEU A 134 -55.97 -29.84 -63.91
CA LEU A 134 -56.28 -31.27 -63.87
C LEU A 134 -55.37 -31.98 -62.87
N SER A 135 -54.09 -31.61 -62.84
CA SER A 135 -53.12 -32.16 -61.90
C SER A 135 -53.63 -31.90 -60.47
N ILE A 136 -54.02 -30.64 -60.16
CA ILE A 136 -54.55 -30.25 -58.87
C ILE A 136 -55.81 -31.03 -58.54
N TYR A 137 -56.73 -31.16 -59.52
CA TYR A 137 -57.96 -31.90 -59.35
C TYR A 137 -57.73 -33.36 -58.96
N GLU A 138 -56.80 -34.05 -59.64
CA GLU A 138 -56.51 -35.47 -59.39
C GLU A 138 -55.82 -35.66 -58.06
N ALA A 139 -55.04 -34.67 -57.65
CA ALA A 139 -54.38 -34.73 -56.38
C ALA A 139 -55.46 -34.59 -55.33
N TRP A 140 -56.38 -33.66 -55.52
CA TRP A 140 -57.47 -33.45 -54.57
C TRP A 140 -58.38 -34.67 -54.49
N VAL A 141 -58.65 -35.30 -55.62
CA VAL A 141 -59.49 -36.48 -55.65
C VAL A 141 -58.87 -37.61 -54.84
N LYS A 142 -57.57 -37.76 -54.97
CA LYS A 142 -56.84 -38.80 -54.25
C LYS A 142 -56.96 -38.56 -52.76
N ILE A 143 -56.89 -37.31 -52.33
CA ILE A 143 -57.04 -37.00 -50.92
C ILE A 143 -58.43 -37.40 -50.45
N TRP A 144 -59.44 -37.07 -51.24
CA TRP A 144 -60.81 -37.37 -50.90
C TRP A 144 -61.08 -38.86 -50.82
N GLU A 145 -60.54 -39.59 -51.77
CA GLU A 145 -60.73 -41.03 -51.83
C GLU A 145 -60.25 -41.81 -50.59
N LYS A 146 -59.38 -41.16 -49.84
CA LYS A 146 -58.87 -41.76 -48.65
C LYS A 146 -59.95 -42.04 -47.63
N ASN A 147 -61.15 -41.55 -47.89
CA ASN A 147 -62.22 -41.75 -46.96
C ASN A 147 -63.14 -42.87 -47.35
N SER A 148 -63.99 -43.27 -46.43
CA SER A 148 -64.95 -44.32 -46.69
C SER A 148 -66.15 -43.76 -47.43
N TRP A 149 -67.02 -44.63 -47.90
CA TRP A 149 -68.20 -44.15 -48.62
C TRP A 149 -69.14 -43.38 -47.68
N GLU A 150 -69.22 -43.83 -46.43
CA GLU A 150 -70.03 -43.20 -45.43
C GLU A 150 -69.41 -41.88 -45.06
N GLU A 151 -68.09 -41.84 -45.03
CA GLU A 151 -67.33 -40.63 -44.72
C GLU A 151 -67.61 -39.61 -45.77
N ARG A 152 -67.58 -40.06 -47.00
CA ARG A 152 -67.87 -39.20 -48.13
C ARG A 152 -69.26 -38.55 -48.10
N LYS A 153 -70.26 -39.22 -47.54
CA LYS A 153 -71.58 -38.64 -47.43
C LYS A 153 -71.64 -37.47 -46.45
N LYS A 154 -70.80 -37.49 -45.44
CA LYS A 154 -70.75 -36.40 -44.49
C LYS A 154 -69.74 -35.32 -44.88
N TYR A 155 -68.83 -35.68 -45.76
CA TYR A 155 -67.79 -34.79 -46.23
C TYR A 155 -67.74 -34.86 -47.74
N PRO A 156 -68.51 -34.01 -48.40
CA PRO A 156 -68.54 -34.05 -49.87
C PRO A 156 -67.26 -33.50 -50.52
N PHE A 157 -67.09 -33.78 -51.84
CA PHE A 157 -65.93 -33.32 -52.58
C PHE A 157 -65.81 -31.82 -52.63
N GLN A 158 -66.96 -31.11 -52.73
CA GLN A 158 -67.00 -29.65 -52.77
C GLN A 158 -66.51 -29.06 -51.45
N GLN A 159 -66.72 -29.81 -50.32
CA GLN A 159 -66.30 -29.43 -48.98
C GLN A 159 -64.80 -29.53 -48.88
N LEU A 160 -64.23 -30.57 -49.51
CA LEU A 160 -62.80 -30.77 -49.54
C LEU A 160 -62.13 -29.67 -50.37
N VAL A 161 -62.75 -29.34 -51.50
CA VAL A 161 -62.26 -28.27 -52.38
C VAL A 161 -62.05 -26.98 -51.54
N ARG A 162 -63.04 -26.58 -50.73
CA ARG A 162 -63.00 -25.42 -49.84
C ARG A 162 -61.80 -25.47 -48.88
N ASP A 163 -61.61 -26.64 -48.23
CA ASP A 163 -60.53 -26.93 -47.27
C ASP A 163 -59.15 -26.88 -47.94
N GLU A 164 -59.07 -27.38 -49.20
CA GLU A 164 -57.86 -27.42 -50.00
C GLU A 164 -57.43 -26.04 -50.47
N LEU A 165 -58.40 -25.14 -50.71
CA LEU A 165 -58.14 -23.77 -51.10
C LEU A 165 -57.68 -22.96 -49.88
N GLU A 166 -58.17 -23.32 -48.68
CA GLU A 166 -57.72 -22.68 -47.42
C GLU A 166 -56.25 -23.06 -47.20
N ARG A 167 -55.90 -24.34 -47.46
CA ARG A 167 -54.55 -24.89 -47.36
C ARG A 167 -53.61 -24.26 -48.40
N ALA A 168 -54.16 -23.85 -49.58
CA ALA A 168 -53.40 -23.17 -50.65
C ALA A 168 -53.00 -21.76 -50.18
N VAL A 169 -53.90 -21.08 -49.44
CA VAL A 169 -53.65 -19.76 -48.85
C VAL A 169 -52.56 -19.95 -47.80
N ALA A 170 -52.75 -20.95 -46.89
CA ALA A 170 -51.79 -21.32 -45.84
C ALA A 170 -50.38 -21.55 -46.41
N TYR A 171 -50.26 -22.25 -47.58
CA TYR A 171 -48.97 -22.52 -48.24
C TYR A 171 -48.24 -21.24 -48.64
N TYR A 172 -48.94 -20.29 -49.28
CA TYR A 172 -48.33 -19.03 -49.71
C TYR A 172 -48.14 -18.05 -48.53
N LYS A 173 -48.92 -18.23 -47.43
CA LYS A 173 -48.80 -17.41 -46.22
C LYS A 173 -47.53 -17.82 -45.49
N GLN A 174 -47.28 -19.14 -45.34
CA GLN A 174 -46.07 -19.64 -44.68
C GLN A 174 -44.82 -19.38 -45.51
N ASP A 175 -44.95 -19.34 -46.84
CA ASP A 175 -43.82 -19.07 -47.73
C ASP A 175 -43.36 -17.62 -47.59
N SER A 176 -44.30 -16.66 -47.63
CA SER A 176 -43.96 -15.25 -47.51
C SER A 176 -43.44 -14.98 -46.09
N LEU A 177 -44.12 -15.53 -45.06
CA LEU A 177 -43.70 -15.38 -43.67
C LEU A 177 -42.32 -15.95 -43.41
N SER A 178 -41.94 -17.07 -44.09
CA SER A 178 -40.63 -17.68 -43.93
C SER A 178 -39.53 -16.73 -44.37
N GLU A 179 -39.76 -15.98 -45.48
CA GLU A 179 -38.81 -15.01 -45.99
C GLU A 179 -38.73 -13.78 -45.07
N ALA A 180 -39.90 -13.30 -44.58
CA ALA A 180 -40.00 -12.14 -43.69
C ALA A 180 -39.22 -12.36 -42.40
N VAL A 181 -39.28 -13.59 -41.84
CA VAL A 181 -38.62 -14.06 -40.62
C VAL A 181 -37.08 -14.09 -40.84
N LYS A 182 -36.61 -14.67 -41.99
CA LYS A 182 -35.19 -14.78 -42.33
C LYS A 182 -34.54 -13.41 -42.38
N VAL A 183 -35.22 -12.42 -42.99
CA VAL A 183 -34.76 -11.04 -43.10
C VAL A 183 -34.74 -10.36 -41.73
N LEU A 184 -35.86 -10.43 -40.94
CA LEU A 184 -35.94 -9.83 -39.60
C LEU A 184 -34.91 -10.40 -38.64
N ARG A 185 -34.73 -11.74 -38.60
CA ARG A 185 -33.75 -12.45 -37.78
C ARG A 185 -32.30 -12.01 -38.11
N GLN A 186 -32.02 -11.73 -39.40
CA GLN A 186 -30.73 -11.25 -39.89
C GLN A 186 -30.47 -9.79 -39.47
N GLU A 187 -31.53 -8.99 -39.43
CA GLU A 187 -31.42 -7.60 -39.04
C GLU A 187 -31.33 -7.51 -37.51
N LEU A 188 -32.07 -8.38 -36.83
CA LEU A 188 -32.03 -8.40 -35.39
C LEU A 188 -30.65 -8.82 -34.91
N ASN A 189 -30.09 -9.83 -35.58
CA ASN A 189 -28.78 -10.35 -35.22
C ASN A 189 -27.69 -9.31 -35.41
N LYS A 190 -27.81 -8.54 -36.48
CA LYS A 190 -26.85 -7.49 -36.75
C LYS A 190 -26.91 -6.44 -35.66
N GLN A 191 -28.12 -6.12 -35.23
CA GLN A 191 -28.32 -5.13 -34.16
C GLN A 191 -27.71 -5.64 -32.86
N LYS A 192 -27.88 -6.92 -32.59
CA LYS A 192 -27.33 -7.52 -31.40
C LYS A 192 -25.81 -7.44 -31.43
N ALA A 193 -25.25 -7.68 -32.61
CA ALA A 193 -23.80 -7.63 -32.77
C ALA A 193 -23.29 -6.23 -32.54
N LEU A 194 -24.01 -5.25 -33.05
CA LEU A 194 -23.63 -3.85 -32.89
C LEU A 194 -23.68 -3.45 -31.42
N LYS A 195 -24.69 -3.93 -30.72
CA LYS A 195 -24.83 -3.62 -29.33
C LYS A 195 -23.66 -4.20 -28.56
N GLU A 196 -23.34 -5.45 -28.86
CA GLU A 196 -22.24 -6.15 -28.19
C GLU A 196 -20.94 -5.39 -28.39
N LYS A 197 -20.73 -4.88 -29.60
CA LYS A 197 -19.53 -4.11 -29.91
C LYS A 197 -19.52 -2.83 -29.09
N GLU A 198 -20.68 -2.21 -28.94
CA GLU A 198 -20.79 -1.00 -28.14
C GLU A 198 -20.50 -1.26 -26.66
N ASP A 199 -20.96 -2.40 -26.15
CA ASP A 199 -20.74 -2.75 -24.76
C ASP A 199 -19.27 -2.98 -24.47
N LEU A 200 -18.56 -3.54 -25.44
CA LEU A 200 -17.13 -3.81 -25.37
C LEU A 200 -16.32 -2.52 -25.34
N SER A 201 -16.75 -1.52 -26.13
CA SER A 201 -16.11 -0.19 -26.21
C SER A 201 -16.16 0.48 -24.83
N GLN A 202 -17.33 0.42 -24.14
CA GLN A 202 -17.51 0.99 -22.81
C GLN A 202 -16.70 0.21 -21.78
N LEU A 203 -16.58 -1.12 -21.96
CA LEU A 203 -15.78 -1.97 -21.09
C LEU A 203 -14.28 -1.58 -21.20
N GLU A 204 -13.82 -1.23 -22.40
CA GLU A 204 -12.45 -0.79 -22.67
C GLU A 204 -12.23 0.58 -22.00
N ARG A 205 -13.22 1.50 -22.15
CA ARG A 205 -13.26 2.83 -21.55
C ARG A 205 -13.14 2.80 -20.02
N ASP A 206 -13.92 1.89 -19.35
CA ASP A 206 -13.91 1.69 -17.90
C ASP A 206 -12.56 1.16 -17.41
N TYR A 207 -11.96 0.26 -18.20
CA TYR A 207 -10.67 -0.35 -17.91
C TYR A 207 -9.52 0.66 -17.97
N ARG A 208 -9.47 1.45 -19.04
CA ARG A 208 -8.42 2.43 -19.22
C ARG A 208 -8.46 3.44 -18.09
N THR A 209 -9.66 3.87 -17.72
CA THR A 209 -9.81 4.83 -16.65
C THR A 209 -9.33 4.26 -15.31
N ARG A 210 -9.71 3.01 -15.05
CA ARG A 210 -9.30 2.31 -13.84
C ARG A 210 -7.79 2.07 -13.83
N LYS A 211 -7.23 1.77 -14.98
CA LYS A 211 -5.81 1.51 -15.12
C LYS A 211 -4.99 2.74 -14.75
N ALA A 212 -5.47 3.91 -15.17
CA ALA A 212 -4.85 5.20 -14.89
C ALA A 212 -4.84 5.59 -13.42
N ASN A 213 -5.91 5.23 -12.73
CA ASN A 213 -6.13 5.58 -11.33
C ASN A 213 -5.59 4.54 -10.34
N LEU A 214 -4.65 3.76 -10.81
CA LEU A 214 -4.04 2.71 -10.02
C LEU A 214 -3.45 3.05 -8.68
N GLN A 215 -2.43 3.91 -8.65
CA GLN A 215 -1.78 4.22 -7.40
C GLN A 215 -2.73 4.73 -6.35
N MET A 216 -3.58 5.65 -6.72
CA MET A 216 -4.51 6.22 -5.77
C MET A 216 -5.50 5.21 -5.33
N LYS A 217 -5.88 4.31 -6.20
CA LYS A 217 -6.84 3.30 -5.82
C LYS A 217 -6.32 2.34 -4.75
N VAL A 218 -5.07 1.92 -4.88
CA VAL A 218 -4.49 1.00 -3.91
C VAL A 218 -4.44 1.63 -2.52
N GLN A 219 -4.06 2.89 -2.47
CA GLN A 219 -4.00 3.66 -1.22
C GLN A 219 -5.35 3.69 -0.51
N SER A 220 -6.44 3.99 -1.27
CA SER A 220 -7.83 4.03 -0.81
C SER A 220 -8.29 2.67 -0.32
N GLU A 221 -7.90 1.61 -1.03
CA GLU A 221 -8.24 0.25 -0.62
C GLU A 221 -7.58 -0.10 0.71
N LEU A 222 -6.28 0.27 0.87
CA LEU A 222 -5.54 0.00 2.12
C LEU A 222 -6.14 0.74 3.31
N ASP A 223 -6.60 1.96 3.07
CA ASP A 223 -7.27 2.77 4.08
C ASP A 223 -8.57 2.11 4.51
N GLN A 224 -9.32 1.57 3.55
CA GLN A 224 -10.59 0.93 3.84
C GLN A 224 -10.37 -0.27 4.73
N ALA A 225 -9.33 -1.04 4.41
CA ALA A 225 -8.95 -2.18 5.20
C ALA A 225 -8.51 -1.70 6.57
N GLY A 226 -7.85 -0.55 6.59
CA GLY A 226 -7.32 0.05 7.80
C GLY A 226 -8.38 0.52 8.79
N SER A 227 -9.59 0.88 8.29
CA SER A 227 -10.72 1.37 9.11
C SER A 227 -11.25 0.33 10.07
N ALA A 228 -11.18 -0.95 9.68
CA ALA A 228 -11.64 -2.08 10.48
C ALA A 228 -10.85 -2.18 11.79
N LEU A 229 -9.58 -1.74 11.74
CA LEU A 229 -8.61 -1.78 12.81
C LEU A 229 -8.87 -0.81 13.98
N PRO A 230 -8.64 -1.29 15.23
CA PRO A 230 -8.86 -0.42 16.41
C PRO A 230 -7.81 0.71 16.53
N PRO A 231 -8.10 1.79 17.30
CA PRO A 231 -7.12 2.88 17.42
C PRO A 231 -5.87 2.51 18.21
N LEU A 232 -4.73 3.02 17.75
CA LEU A 232 -3.44 2.85 18.40
C LEU A 232 -3.17 4.11 19.20
N VAL A 233 -2.63 3.96 20.42
CA VAL A 233 -2.28 5.14 21.21
C VAL A 233 -0.78 5.24 21.36
N SER A 234 -0.27 6.46 21.10
CA SER A 234 1.15 6.85 21.12
C SER A 234 2.00 5.79 20.38
N PRO A 235 1.71 5.46 19.11
CA PRO A 235 2.46 4.37 18.48
C PRO A 235 3.89 4.74 18.07
N THR A 236 4.84 3.82 18.27
CA THR A 236 6.22 4.04 17.84
C THR A 236 6.24 3.75 16.34
N PRO A 237 7.21 4.28 15.59
CA PRO A 237 7.23 3.99 14.16
C PRO A 237 7.27 2.49 13.84
N GLU A 238 7.83 1.68 14.72
CA GLU A 238 7.89 0.23 14.50
C GLU A 238 6.52 -0.43 14.62
N GLN A 239 5.67 0.17 15.44
CA GLN A 239 4.30 -0.31 15.65
C GLN A 239 3.40 -0.06 14.43
N TRP A 240 3.42 1.18 13.87
CA TRP A 240 2.59 1.50 12.71
C TRP A 240 3.15 0.89 11.43
N LEU A 241 4.45 0.61 11.40
CA LEU A 241 5.06 -0.04 10.25
C LEU A 241 4.60 -1.49 10.23
N GLU A 242 4.55 -2.12 11.40
CA GLU A 242 4.08 -3.50 11.53
C GLU A 242 2.63 -3.64 11.01
N ARG A 243 1.74 -2.71 11.41
CA ARG A 243 0.34 -2.67 11.01
C ARG A 243 0.22 -2.44 9.50
N ALA A 244 1.02 -1.52 8.93
CA ALA A 244 0.98 -1.23 7.50
C ALA A 244 1.50 -2.42 6.70
N THR A 245 2.52 -3.12 7.23
CA THR A 245 3.08 -4.32 6.61
C THR A 245 2.02 -5.44 6.58
N ARG A 246 1.20 -5.53 7.65
CA ARG A 246 0.14 -6.53 7.75
C ARG A 246 -0.95 -6.30 6.71
N LEU A 247 -1.35 -5.04 6.49
CA LEU A 247 -2.37 -4.69 5.51
C LEU A 247 -1.93 -5.03 4.10
N VAL A 248 -0.71 -4.61 3.72
CA VAL A 248 -0.12 -4.85 2.40
C VAL A 248 0.03 -6.36 2.14
N THR A 249 0.59 -7.11 3.12
CA THR A 249 0.77 -8.57 3.01
C THR A 249 -0.58 -9.28 2.77
N GLN A 250 -1.61 -8.95 3.57
CA GLN A 250 -2.94 -9.53 3.43
C GLN A 250 -3.60 -9.14 2.09
N ALA A 251 -3.45 -7.87 1.67
CA ALA A 251 -3.97 -7.38 0.39
C ALA A 251 -3.34 -8.15 -0.77
N ILE A 252 -2.02 -8.48 -0.68
CA ILE A 252 -1.32 -9.28 -1.70
C ILE A 252 -1.94 -10.71 -1.69
N ALA A 253 -2.08 -11.34 -0.49
CA ALA A 253 -2.66 -12.66 -0.26
C ALA A 253 -4.08 -12.83 -0.80
N ASP A 254 -4.93 -11.80 -0.60
CA ASP A 254 -6.30 -11.78 -1.07
C ASP A 254 -6.36 -11.57 -2.58
N LYS A 255 -5.55 -10.65 -3.13
CA LYS A 255 -5.52 -10.39 -4.57
C LYS A 255 -5.02 -11.57 -5.41
N LYS A 256 -4.14 -12.40 -4.85
CA LYS A 256 -3.61 -13.62 -5.48
C LYS A 256 -4.72 -14.70 -5.50
N GLN A 257 -5.58 -14.73 -4.46
CA GLN A 257 -6.71 -15.68 -4.35
C GLN A 257 -7.81 -15.28 -5.33
N LEU A 258 -7.96 -13.97 -5.57
CA LEU A 258 -8.93 -13.45 -6.54
C LEU A 258 -8.45 -13.75 -7.96
N GLN A 259 -7.12 -13.79 -8.15
CA GLN A 259 -6.52 -14.07 -9.46
C GLN A 259 -6.77 -15.51 -9.88
N THR A 260 -6.66 -16.49 -8.94
CA THR A 260 -6.92 -17.91 -9.24
C THR A 260 -8.36 -18.07 -9.61
N THR A 261 -9.27 -17.43 -8.84
CA THR A 261 -10.72 -17.43 -9.09
C THR A 261 -11.02 -16.84 -10.47
N ASN A 262 -10.41 -15.69 -10.80
CA ASN A 262 -10.61 -14.99 -12.08
C ASN A 262 -10.12 -15.75 -13.31
N ASN A 263 -9.12 -16.64 -13.14
CA ASN A 263 -8.57 -17.48 -14.22
C ASN A 263 -9.62 -18.50 -14.66
N THR A 264 -10.42 -19.03 -13.70
CA THR A 264 -11.54 -19.95 -13.92
C THR A 264 -12.65 -19.19 -14.69
N LEU A 265 -12.93 -17.92 -14.27
CA LEU A 265 -13.91 -17.01 -14.89
C LEU A 265 -13.61 -16.76 -16.36
N ILE A 266 -12.30 -16.66 -16.73
CA ILE A 266 -11.84 -16.46 -18.10
C ILE A 266 -12.08 -17.77 -18.89
N LYS A 267 -11.64 -18.92 -18.32
CA LYS A 267 -11.76 -20.26 -18.89
C LYS A 267 -13.21 -20.71 -19.14
N ASN A 268 -14.08 -20.56 -18.12
CA ASN A 268 -15.49 -20.95 -18.16
C ASN A 268 -16.48 -19.79 -18.50
N SER A 269 -16.01 -18.76 -19.24
CA SER A 269 -16.86 -17.62 -19.64
C SER A 269 -18.01 -18.03 -20.58
N PRO A 270 -19.24 -17.51 -20.40
CA PRO A 270 -20.33 -17.90 -21.29
C PRO A 270 -20.46 -17.03 -22.54
N THR A 271 -19.96 -15.78 -22.50
CA THR A 271 -20.02 -14.79 -23.59
C THR A 271 -18.65 -14.11 -23.77
N PRO A 272 -18.31 -13.50 -24.95
CA PRO A 272 -17.02 -12.80 -25.07
C PRO A 272 -16.94 -11.56 -24.18
N LEU A 273 -18.10 -10.96 -23.85
CA LEU A 273 -18.24 -9.78 -22.99
C LEU A 273 -17.81 -10.13 -21.57
N GLU A 274 -18.31 -11.26 -21.03
CA GLU A 274 -17.93 -11.75 -19.70
C GLU A 274 -16.47 -12.18 -19.65
N LYS A 275 -15.92 -12.70 -20.78
CA LYS A 275 -14.50 -13.09 -20.86
C LYS A 275 -13.63 -11.87 -20.86
N GLN A 276 -13.98 -10.83 -21.65
CA GLN A 276 -13.20 -9.58 -21.75
C GLN A 276 -13.19 -8.84 -20.42
N LYS A 277 -14.33 -8.91 -19.67
CA LYS A 277 -14.49 -8.34 -18.34
C LYS A 277 -13.44 -8.98 -17.40
N ALA A 278 -13.35 -10.32 -17.43
CA ALA A 278 -12.40 -11.10 -16.66
C ALA A 278 -10.93 -10.86 -17.09
N ILE A 279 -10.64 -10.77 -18.43
CA ILE A 279 -9.29 -10.51 -18.97
C ILE A 279 -8.77 -9.18 -18.40
N TYR A 280 -9.62 -8.12 -18.45
CA TYR A 280 -9.37 -6.76 -17.95
C TYR A 280 -9.13 -6.76 -16.45
N ASN A 281 -10.04 -7.37 -15.65
CA ASN A 281 -9.89 -7.44 -14.19
C ASN A 281 -8.60 -8.17 -13.81
N GLY A 282 -8.27 -9.21 -14.56
CA GLY A 282 -7.05 -9.95 -14.34
C GLY A 282 -5.84 -9.07 -14.56
N GLU A 283 -5.89 -8.24 -15.61
CA GLU A 283 -4.79 -7.33 -15.89
C GLU A 283 -4.66 -6.33 -14.75
N LEU A 284 -5.80 -5.83 -14.28
CA LEU A 284 -5.87 -4.85 -13.22
C LEU A 284 -5.32 -5.38 -11.92
N LEU A 285 -5.61 -6.65 -11.65
CA LEU A 285 -5.15 -7.33 -10.44
C LEU A 285 -3.61 -7.43 -10.38
N VAL A 286 -2.96 -7.78 -11.52
CA VAL A 286 -1.50 -7.90 -11.57
C VAL A 286 -0.85 -6.54 -11.29
N ASP A 287 -1.43 -5.47 -11.86
CA ASP A 287 -1.00 -4.09 -11.68
C ASP A 287 -1.07 -3.68 -10.21
N GLU A 288 -2.16 -4.04 -9.52
CA GLU A 288 -2.37 -3.80 -8.09
C GLU A 288 -1.39 -4.55 -7.24
N ILE A 289 -1.19 -5.85 -7.53
CA ILE A 289 -0.25 -6.71 -6.79
C ILE A 289 1.16 -6.15 -6.86
N ALA A 290 1.58 -5.71 -8.06
CA ALA A 290 2.90 -5.14 -8.29
C ALA A 290 3.05 -3.81 -7.54
N SER A 291 1.98 -2.99 -7.47
CA SER A 291 1.98 -1.73 -6.73
C SER A 291 2.12 -2.02 -5.24
N LEU A 292 1.40 -3.05 -4.75
CA LEU A 292 1.46 -3.48 -3.36
C LEU A 292 2.83 -4.04 -3.01
N GLN A 293 3.43 -4.81 -3.92
CA GLN A 293 4.75 -5.42 -3.70
C GLN A 293 5.84 -4.36 -3.61
N ALA A 294 5.74 -3.30 -4.45
CA ALA A 294 6.67 -2.15 -4.45
C ALA A 294 6.61 -1.43 -3.12
N ARG A 295 5.37 -1.28 -2.55
CA ARG A 295 5.06 -0.67 -1.26
C ARG A 295 5.67 -1.49 -0.13
N LEU A 296 5.52 -2.83 -0.20
CA LEU A 296 6.05 -3.78 0.78
C LEU A 296 7.58 -3.70 0.90
N VAL A 297 8.28 -3.56 -0.24
CA VAL A 297 9.76 -3.42 -0.30
C VAL A 297 10.19 -2.17 0.51
N LYS A 298 9.51 -1.03 0.27
CA LYS A 298 9.78 0.23 0.97
C LYS A 298 9.52 0.07 2.48
N LEU A 299 8.43 -0.65 2.85
CA LEU A 299 8.07 -0.90 4.24
C LEU A 299 9.11 -1.77 4.97
N ASN A 300 9.67 -2.78 4.27
CA ASN A 300 10.68 -3.68 4.80
C ASN A 300 11.99 -2.95 5.06
N ALA A 301 12.34 -2.02 4.16
CA ALA A 301 13.54 -1.21 4.24
C ALA A 301 13.43 -0.23 5.42
N GLU A 302 12.31 0.47 5.48
CA GLU A 302 12.03 1.43 6.53
C GLU A 302 11.98 0.75 7.89
N THR A 303 11.43 -0.45 7.94
CA THR A 303 11.37 -1.20 9.19
C THR A 303 12.78 -1.51 9.66
N THR A 304 13.64 -1.92 8.73
CA THR A 304 15.02 -2.24 9.03
C THR A 304 15.74 -1.00 9.54
N ARG A 305 15.47 0.14 8.94
CA ARG A 305 16.11 1.37 9.35
C ARG A 305 15.70 1.70 10.78
N ARG A 306 14.42 1.53 11.09
CA ARG A 306 13.91 1.80 12.42
C ARG A 306 14.48 0.88 13.47
N ARG A 307 14.57 -0.39 13.16
CA ARG A 307 15.10 -1.38 14.09
C ARG A 307 16.56 -1.13 14.42
N THR A 308 17.34 -0.77 13.41
CA THR A 308 18.75 -0.49 13.58
C THR A 308 18.93 0.73 14.47
N GLU A 309 18.09 1.73 14.24
CA GLU A 309 18.11 2.96 15.00
C GLU A 309 17.79 2.70 16.46
N ALA A 310 16.85 1.80 16.72
CA ALA A 310 16.48 1.48 18.09
C ALA A 310 17.60 0.72 18.79
N GLU A 311 18.36 -0.06 18.02
CA GLU A 311 19.47 -0.82 18.56
C GLU A 311 20.61 0.13 18.93
N ARG A 312 20.85 1.16 18.10
CA ARG A 312 21.87 2.18 18.36
C ARG A 312 21.49 3.00 19.59
N LYS A 313 20.21 3.42 19.72
CA LYS A 313 19.69 4.15 20.89
C LYS A 313 19.88 3.32 22.16
N ALA A 314 19.56 2.00 22.11
CA ALA A 314 19.74 1.09 23.24
C ALA A 314 21.22 0.95 23.64
N ALA A 315 22.15 1.01 22.65
CA ALA A 315 23.60 0.92 22.89
C ALA A 315 24.14 2.22 23.53
N GLU A 316 23.44 3.36 23.33
CA GLU A 316 23.72 4.68 23.89
C GLU A 316 23.33 4.68 25.39
N GLU A 317 22.21 4.04 25.74
CA GLU A 317 21.79 3.91 27.13
C GLU A 317 22.70 2.95 27.89
N GLN A 318 23.30 1.97 27.18
CA GLN A 318 24.23 1.04 27.82
C GLN A 318 25.58 1.73 28.10
N ALA A 319 26.06 2.58 27.15
CA ALA A 319 27.29 3.37 27.29
C ALA A 319 27.18 4.32 28.49
N LEU A 320 25.97 4.90 28.71
CA LEU A 320 25.64 5.78 29.84
C LEU A 320 25.69 5.00 31.17
N GLN A 321 25.14 3.78 31.19
CA GLN A 321 25.16 2.93 32.39
C GLN A 321 26.55 2.40 32.69
N ASP A 322 27.36 2.18 31.64
CA ASP A 322 28.75 1.72 31.73
C ASP A 322 29.65 2.85 32.21
N ALA A 323 29.25 4.11 31.94
CA ALA A 323 29.95 5.32 32.37
C ALA A 323 29.70 5.53 33.87
N ILE A 324 28.46 5.25 34.32
CA ILE A 324 28.05 5.35 35.72
C ILE A 324 28.79 4.27 36.53
N LYS A 325 28.88 3.05 35.98
CA LYS A 325 29.61 1.91 36.57
C LYS A 325 31.10 2.26 36.73
N PHE A 326 31.71 2.87 35.69
CA PHE A 326 33.11 3.30 35.64
C PHE A 326 33.41 4.35 36.71
N THR A 327 32.50 5.33 36.90
CA THR A 327 32.63 6.36 37.92
C THR A 327 32.59 5.69 39.30
N ALA A 328 31.60 4.78 39.55
CA ALA A 328 31.51 4.02 40.82
C ALA A 328 32.75 3.16 41.06
N ASP A 329 33.28 2.54 40.01
CA ASP A 329 34.46 1.71 40.11
C ASP A 329 35.71 2.53 40.41
N PHE A 330 35.74 3.76 39.91
CA PHE A 330 36.89 4.62 40.11
C PHE A 330 37.11 4.89 41.59
N TYR A 331 36.05 5.12 42.34
CA TYR A 331 36.16 5.35 43.77
C TYR A 331 36.70 4.11 44.48
N LYS A 332 36.24 2.94 44.07
CA LYS A 332 36.71 1.69 44.66
C LYS A 332 38.19 1.49 44.41
N GLU A 333 38.62 1.73 43.18
CA GLU A 333 40.02 1.58 42.79
C GLU A 333 40.90 2.57 43.53
N VAL A 334 40.38 3.78 43.73
CA VAL A 334 41.09 4.80 44.48
C VAL A 334 41.29 4.35 45.92
N THR A 335 40.28 3.71 46.50
CA THR A 335 40.38 3.18 47.84
C THR A 335 41.45 2.11 47.89
N GLU A 336 41.47 1.26 46.88
CA GLU A 336 42.44 0.17 46.81
C GLU A 336 43.87 0.66 46.74
N LYS A 337 44.11 1.71 45.95
CA LYS A 337 45.46 2.23 45.76
C LYS A 337 45.92 3.36 46.69
N PHE A 338 44.99 4.22 47.10
CA PHE A 338 45.30 5.36 47.97
C PHE A 338 44.65 5.34 49.35
N GLY A 339 43.66 4.49 49.58
CA GLY A 339 42.98 4.41 50.86
C GLY A 339 41.65 5.14 50.94
N ALA A 340 40.88 4.83 51.99
CA ALA A 340 39.52 5.35 52.27
C ALA A 340 39.39 6.88 52.24
N ARG A 341 40.29 7.60 52.91
CA ARG A 341 40.27 9.06 53.01
C ARG A 341 40.42 9.81 51.66
N THR A 342 41.29 9.29 50.74
CA THR A 342 41.49 9.92 49.43
C THR A 342 40.23 9.75 48.57
N SER A 343 39.64 8.53 48.60
CA SER A 343 38.40 8.18 47.90
C SER A 343 37.20 8.98 48.39
N GLU A 344 37.13 9.20 49.70
CA GLU A 344 36.07 10.00 50.32
C GLU A 344 36.27 11.46 49.87
N MET A 345 37.53 11.92 49.78
CA MET A 345 37.82 13.28 49.31
C MET A 345 37.44 13.44 47.82
N ALA A 346 37.71 12.40 46.98
CA ALA A 346 37.33 12.44 45.57
C ALA A 346 35.78 12.47 45.49
N ARG A 347 35.10 11.58 46.25
CA ARG A 347 33.64 11.52 46.28
C ARG A 347 33.00 12.85 46.73
N GLN A 348 33.59 13.51 47.74
CA GLN A 348 33.08 14.80 48.21
C GLN A 348 33.36 15.88 47.16
N LEU A 349 34.49 15.77 46.40
CA LEU A 349 34.80 16.71 45.33
C LEU A 349 33.73 16.63 44.25
N ALA A 350 33.40 15.41 43.78
CA ALA A 350 32.39 15.13 42.76
C ALA A 350 30.97 15.54 43.16
N GLU A 351 30.59 15.28 44.45
CA GLU A 351 29.26 15.62 44.98
C GLU A 351 29.09 17.12 45.21
N GLY A 352 30.13 17.77 45.72
CA GLY A 352 30.12 19.19 45.99
C GLY A 352 30.13 20.06 44.75
N ALA A 353 30.45 19.48 43.57
CA ALA A 353 30.50 20.16 42.26
C ALA A 353 29.13 20.11 41.57
N ARG A 354 28.33 19.10 41.94
CA ARG A 354 26.98 18.86 41.41
C ARG A 354 26.16 20.16 41.49
N GLY A 355 25.59 20.56 40.34
CA GLY A 355 24.79 21.77 40.20
C GLY A 355 25.50 23.09 40.30
N LYS A 356 26.82 23.09 40.38
CA LYS A 356 27.64 24.29 40.47
C LYS A 356 28.35 24.54 39.13
N ASN A 357 28.80 25.79 38.92
CA ASN A 357 29.60 26.19 37.75
C ASN A 357 31.03 26.49 38.23
N ILE A 358 31.95 26.65 37.28
CA ILE A 358 33.36 26.96 37.58
C ILE A 358 33.46 28.41 38.03
N ARG A 359 34.27 28.68 39.06
CA ARG A 359 34.48 30.05 39.56
C ARG A 359 35.38 30.84 38.61
N SER A 360 35.65 32.10 38.96
CA SER A 360 36.52 32.94 38.14
C SER A 360 37.95 32.70 38.66
N SER A 361 38.96 32.99 37.83
CA SER A 361 40.37 32.85 38.22
C SER A 361 40.68 33.73 39.42
N ALA A 362 40.13 34.97 39.46
CA ALA A 362 40.28 35.93 40.57
C ALA A 362 39.78 35.34 41.91
N GLU A 363 38.57 34.74 41.91
CA GLU A 363 37.98 34.10 43.09
C GLU A 363 38.92 32.98 43.57
N ALA A 364 39.26 32.05 42.66
CA ALA A 364 40.14 30.89 42.89
C ALA A 364 41.50 31.30 43.41
N ILE A 365 42.12 32.35 42.81
CA ILE A 365 43.43 32.90 43.19
C ILE A 365 43.34 33.43 44.64
N LYS A 366 42.25 34.17 44.96
CA LYS A 366 41.99 34.72 46.30
C LYS A 366 41.82 33.62 47.36
N SER A 367 41.03 32.56 47.06
CA SER A 367 40.81 31.42 47.97
C SER A 367 42.08 30.63 48.17
N PHE A 368 42.78 30.30 47.07
CA PHE A 368 44.02 29.51 47.07
C PHE A 368 45.21 30.23 47.71
N GLU A 369 45.32 31.57 47.51
CA GLU A 369 46.39 32.39 48.09
C GLU A 369 46.31 32.44 49.60
N LYS A 370 45.07 32.46 50.15
CA LYS A 370 44.73 32.43 51.57
C LYS A 370 45.35 31.21 52.30
N HIS A 371 45.15 29.98 51.73
CA HIS A 371 45.67 28.71 52.29
C HIS A 371 47.03 28.24 51.73
N LYS A 372 47.59 29.00 50.77
CA LYS A 372 48.83 28.70 50.07
C LYS A 372 50.13 28.61 50.89
N ASP A 373 50.40 29.57 51.80
CA ASP A 373 51.67 29.68 52.58
C ASP A 373 52.18 28.34 53.15
N ALA A 374 51.29 27.58 53.77
CA ALA A 374 51.63 26.31 54.35
C ALA A 374 52.12 25.31 53.32
N LEU A 375 51.46 25.32 52.16
CA LEU A 375 51.80 24.39 51.09
C LEU A 375 53.22 24.51 50.54
N ASN A 376 53.69 25.72 50.30
CA ASN A 376 55.04 25.88 49.78
C ASN A 376 56.11 25.42 50.76
N LYS A 377 55.90 25.72 52.04
CA LYS A 377 56.83 25.37 53.10
C LYS A 377 56.86 23.86 53.39
N LYS A 378 55.68 23.21 53.43
CA LYS A 378 55.58 21.76 53.70
C LYS A 378 55.84 20.86 52.47
N LEU A 379 55.84 21.44 51.26
CA LEU A 379 56.10 20.71 50.01
C LEU A 379 57.57 20.86 49.62
N SER A 380 58.27 19.73 49.52
CA SER A 380 59.67 19.68 49.15
C SER A 380 59.92 19.74 47.65
N LEU A 381 61.16 20.04 47.29
CA LEU A 381 61.59 20.13 45.91
C LEU A 381 61.46 18.79 45.22
N LYS A 382 61.81 17.73 45.94
CA LYS A 382 61.71 16.39 45.42
C LYS A 382 60.26 16.07 45.09
N ASP A 383 59.34 16.56 45.91
CA ASP A 383 57.91 16.35 45.71
C ASP A 383 57.48 16.98 44.40
N ARG A 384 57.75 18.27 44.27
CA ARG A 384 57.46 19.06 43.09
C ARG A 384 57.98 18.33 41.85
N GLN A 385 59.27 17.92 41.86
CA GLN A 385 59.86 17.20 40.73
C GLN A 385 59.13 15.90 40.40
N ALA A 386 58.74 15.13 41.43
CA ALA A 386 58.01 13.85 41.28
C ALA A 386 56.64 14.06 40.64
N ILE A 387 55.93 15.13 41.07
CA ILE A 387 54.61 15.44 40.53
C ILE A 387 54.75 15.98 39.09
N ALA A 388 55.72 16.88 38.85
CA ALA A 388 55.98 17.42 37.51
C ALA A 388 56.29 16.30 36.50
N LYS A 389 57.20 15.36 36.87
CA LYS A 389 57.59 14.21 36.05
C LYS A 389 56.44 13.31 35.68
N ALA A 390 55.50 13.12 36.61
CA ALA A 390 54.32 12.30 36.38
C ALA A 390 53.45 12.87 35.28
N PHE A 391 53.29 14.18 35.30
CA PHE A 391 52.51 14.88 34.32
C PHE A 391 53.12 14.81 32.93
N ASP A 392 54.44 14.80 32.86
CA ASP A 392 55.15 14.72 31.60
C ASP A 392 54.92 13.37 30.99
N SER A 393 54.83 12.34 31.81
CA SER A 393 54.61 10.97 31.35
C SER A 393 53.17 10.66 30.99
N LEU A 394 52.31 11.65 31.18
CA LEU A 394 50.86 11.56 30.91
C LEU A 394 50.49 11.04 29.53
N ASP A 395 49.60 10.06 29.54
CA ASP A 395 49.05 9.38 28.39
C ASP A 395 47.76 10.11 27.96
N LYS A 396 47.77 10.79 26.80
CA LYS A 396 46.66 11.60 26.26
C LYS A 396 45.42 10.82 25.82
N GLN A 397 45.62 9.60 25.26
CA GLN A 397 44.57 8.71 24.75
C GLN A 397 43.64 8.17 25.86
N MET A 398 44.22 7.57 26.95
CA MET A 398 43.50 7.04 28.14
C MET A 398 42.81 8.15 28.92
N MET A 399 43.45 9.34 28.99
CA MET A 399 42.95 10.56 29.64
C MET A 399 41.65 11.00 28.94
N ALA A 400 41.68 11.09 27.58
CA ALA A 400 40.54 11.51 26.73
C ALA A 400 39.35 10.59 26.89
N LYS A 401 39.62 9.27 26.96
CA LYS A 401 38.63 8.21 27.10
C LYS A 401 38.00 8.20 28.50
N SER A 402 38.80 8.51 29.54
CA SER A 402 38.33 8.56 30.92
C SER A 402 37.48 9.80 31.13
N LEU A 403 37.92 10.96 30.59
CA LEU A 403 37.16 12.21 30.65
C LEU A 403 35.78 12.08 29.97
N GLU A 404 35.67 11.30 28.87
CA GLU A 404 34.36 11.17 28.24
C GLU A 404 33.42 10.32 29.11
N LYS A 405 33.95 9.23 29.71
CA LYS A 405 33.20 8.37 30.63
C LYS A 405 32.79 9.14 31.90
N PHE A 406 33.72 9.88 32.54
CA PHE A 406 33.38 10.66 33.76
C PHE A 406 32.35 11.74 33.43
N SER A 407 32.51 12.42 32.27
CA SER A 407 31.58 13.46 31.81
C SER A 407 30.18 12.90 31.58
N LYS A 408 30.08 11.69 30.99
CA LYS A 408 28.81 11.02 30.77
C LYS A 408 28.16 10.69 32.15
N GLY A 409 28.93 10.06 33.05
CA GLY A 409 28.50 9.72 34.40
C GLY A 409 27.91 10.88 35.18
N PHE A 410 28.55 12.08 35.07
CA PHE A 410 28.12 13.32 35.69
C PHE A 410 27.05 14.07 34.88
N GLY A 411 26.76 13.59 33.68
CA GLY A 411 25.76 14.21 32.82
C GLY A 411 26.10 15.63 32.42
N VAL A 412 27.35 15.84 31.99
CA VAL A 412 27.87 17.11 31.50
C VAL A 412 28.22 16.89 30.03
N VAL A 413 28.07 17.93 29.17
CA VAL A 413 28.38 17.76 27.75
C VAL A 413 29.90 17.59 27.53
N GLY A 414 30.24 16.80 26.50
CA GLY A 414 31.61 16.55 26.06
C GLY A 414 32.21 17.85 25.59
N LYS A 415 33.38 18.20 26.13
CA LYS A 415 34.03 19.48 25.86
C LYS A 415 35.43 19.35 25.22
N ALA A 416 35.74 20.20 24.27
CA ALA A 416 37.03 20.17 23.59
C ALA A 416 38.17 20.67 24.48
N ILE A 417 39.32 20.00 24.43
CA ILE A 417 40.48 20.41 25.24
C ILE A 417 41.84 19.96 24.68
N ASP A 418 42.87 20.79 24.78
CA ASP A 418 44.23 20.37 24.40
C ASP A 418 44.76 20.01 25.79
N ALA A 419 44.83 18.71 26.07
CA ALA A 419 45.23 18.19 27.37
C ALA A 419 46.67 18.52 27.70
N ALA A 420 47.58 18.24 26.74
CA ALA A 420 49.02 18.50 26.87
C ALA A 420 49.26 19.94 27.31
N SER A 421 48.48 20.91 26.78
CA SER A 421 48.57 22.33 27.14
C SER A 421 48.22 22.55 28.59
N LEU A 422 47.16 21.88 29.04
CA LEU A 422 46.68 22.00 30.40
C LEU A 422 47.66 21.45 31.41
N TYR A 423 48.14 20.24 31.14
CA TYR A 423 49.08 19.57 32.01
C TYR A 423 50.41 20.29 32.12
N GLN A 424 50.85 20.87 31.01
CA GLN A 424 52.09 21.60 31.04
C GLN A 424 51.97 22.78 31.98
N GLU A 425 50.85 23.50 31.92
CA GLU A 425 50.66 24.62 32.82
C GLU A 425 50.55 24.14 34.28
N PHE A 426 49.94 22.98 34.50
CA PHE A 426 49.86 22.41 35.85
C PHE A 426 51.27 22.10 36.35
N LYS A 427 52.08 21.52 35.48
CA LYS A 427 53.47 21.15 35.80
C LYS A 427 54.32 22.37 36.11
N ILE A 428 54.17 23.45 35.34
CA ILE A 428 54.92 24.68 35.56
C ILE A 428 54.52 25.26 36.91
N SER A 429 53.23 25.21 37.19
CA SER A 429 52.62 25.67 38.43
C SER A 429 53.01 24.83 39.65
N THR A 430 53.43 23.59 39.46
CA THR A 430 53.87 22.74 40.54
C THR A 430 55.34 23.06 40.87
N GLU A 431 56.15 23.15 39.82
CA GLU A 431 57.57 23.45 39.88
C GLU A 431 57.82 24.85 40.41
N THR A 432 57.06 25.83 39.95
CA THR A 432 57.17 27.19 40.46
C THR A 432 56.15 27.29 41.60
N GLY A 433 56.16 28.38 42.33
CA GLY A 433 55.13 28.48 43.37
C GLY A 433 53.85 29.09 42.85
N ASP A 434 53.83 29.49 41.56
CA ASP A 434 52.76 30.26 40.96
C ASP A 434 51.63 29.46 40.30
N TRP A 435 50.44 29.62 40.88
CA TRP A 435 49.22 28.99 40.41
C TRP A 435 48.30 29.97 39.67
N LYS A 436 48.55 31.26 39.81
CA LYS A 436 47.77 32.30 39.11
C LYS A 436 47.67 32.00 37.58
N PRO A 437 48.77 31.62 36.85
CA PRO A 437 48.62 31.27 35.43
C PRO A 437 47.91 29.94 35.18
N PHE A 438 47.83 29.09 36.20
CA PHE A 438 47.04 27.87 36.06
C PHE A 438 45.54 28.14 36.07
N PHE A 439 45.12 28.91 37.06
CA PHE A 439 43.71 29.24 37.25
C PHE A 439 43.20 30.02 36.04
N VAL A 440 44.03 30.91 35.53
CA VAL A 440 43.67 31.69 34.37
C VAL A 440 43.46 30.75 33.17
N LYS A 441 44.34 29.77 33.03
CA LYS A 441 44.20 28.82 31.94
C LYS A 441 42.93 28.00 32.06
N ILE A 442 42.61 27.52 33.26
CA ILE A 442 41.38 26.75 33.43
C ILE A 442 40.13 27.58 33.21
N GLU A 443 40.14 28.81 33.72
CA GLU A 443 38.98 29.69 33.54
C GLU A 443 38.74 29.95 32.08
N THR A 444 39.82 30.22 31.35
CA THR A 444 39.73 30.47 29.93
C THR A 444 39.24 29.24 29.20
N LEU A 445 39.81 28.09 29.55
CA LEU A 445 39.46 26.83 28.91
C LEU A 445 38.03 26.39 29.15
N ALA A 446 37.58 26.54 30.39
CA ALA A 446 36.25 26.15 30.82
C ALA A 446 35.30 27.20 31.36
N ALA A 447 35.42 28.46 30.92
CA ALA A 447 34.48 29.50 31.34
C ALA A 447 33.04 29.08 30.97
N GLY A 448 32.13 29.23 31.93
CA GLY A 448 30.73 28.89 31.72
C GLY A 448 30.39 27.41 31.76
N ALA A 449 31.39 26.54 32.03
CA ALA A 449 31.15 25.10 32.08
C ALA A 449 30.77 24.66 33.51
N ALA A 450 30.26 23.44 33.60
CA ALA A 450 29.85 22.91 34.87
C ALA A 450 31.09 22.53 35.64
N ALA A 451 31.02 22.66 36.96
CA ALA A 451 32.12 22.33 37.86
C ALA A 451 32.52 20.85 37.81
N SER A 452 31.54 19.98 37.55
CA SER A 452 31.72 18.54 37.41
C SER A 452 32.67 18.18 36.25
N TRP A 453 32.69 18.97 35.19
CA TRP A 453 33.62 18.75 34.09
C TRP A 453 35.06 18.85 34.58
N LEU A 454 35.35 19.82 35.45
CA LEU A 454 36.67 19.99 36.05
C LEU A 454 37.02 18.77 36.89
N VAL A 455 36.03 18.23 37.61
CA VAL A 455 36.19 17.04 38.42
C VAL A 455 36.52 15.85 37.54
N GLY A 456 35.91 15.77 36.36
CA GLY A 456 36.20 14.72 35.41
C GLY A 456 37.65 14.82 34.97
N ILE A 457 38.13 16.04 34.73
CA ILE A 457 39.49 16.31 34.35
C ILE A 457 40.44 15.83 35.46
N ALA A 458 40.09 16.13 36.70
CA ALA A 458 40.86 15.71 37.88
C ALA A 458 40.96 14.19 37.97
N PHE A 459 39.85 13.51 37.80
CA PHE A 459 39.73 12.06 37.86
C PHE A 459 40.40 11.39 36.63
N ALA A 460 40.19 11.93 35.39
CA ALA A 460 40.79 11.39 34.14
C ALA A 460 42.33 11.36 34.25
N THR A 461 42.90 12.38 34.94
CA THR A 461 44.33 12.50 35.25
C THR A 461 44.83 11.32 36.11
N ALA A 462 44.13 10.96 37.21
CA ALA A 462 44.51 9.86 38.10
C ALA A 462 44.55 8.51 37.38
N THR A 463 43.79 8.35 36.28
CA THR A 463 43.69 7.08 35.52
C THR A 463 44.72 6.93 34.38
N ALA A 464 45.32 8.04 33.93
CA ALA A 464 46.26 8.04 32.81
C ALA A 464 47.70 8.41 33.19
N THR A 465 47.94 8.75 34.46
CA THR A 465 49.23 9.26 34.95
C THR A 465 49.71 8.54 36.23
N PRO A 466 51.05 8.31 36.42
CA PRO A 466 51.54 7.77 37.72
C PRO A 466 51.69 8.93 38.73
N ILE A 467 50.58 9.68 38.90
CA ILE A 467 50.48 10.91 39.70
C ILE A 467 50.80 10.69 41.23
N GLY A 468 50.40 9.57 41.79
CA GLY A 468 50.62 9.27 43.20
C GLY A 468 49.60 9.95 44.09
N ILE A 469 49.58 9.59 45.38
CA ILE A 469 48.61 10.08 46.38
C ILE A 469 48.73 11.60 46.57
N LEU A 470 49.95 12.10 46.65
CA LEU A 470 50.23 13.52 46.84
C LEU A 470 49.78 14.34 45.63
N GLY A 471 50.28 13.99 44.45
CA GLY A 471 49.86 14.67 43.22
C GLY A 471 48.34 14.66 43.07
N PHE A 472 47.68 13.51 43.34
CA PHE A 472 46.21 13.42 43.19
C PHE A 472 45.48 14.33 44.19
N ALA A 473 45.99 14.47 45.40
CA ALA A 473 45.45 15.35 46.43
C ALA A 473 45.65 16.82 46.04
N LEU A 474 46.85 17.19 45.49
CA LEU A 474 47.12 18.57 45.06
C LEU A 474 46.22 18.94 43.88
N VAL A 475 45.95 17.96 43.02
CA VAL A 475 45.06 18.15 41.88
C VAL A 475 43.66 18.45 42.38
N MET A 476 43.18 17.65 43.32
CA MET A 476 41.86 17.87 43.93
C MET A 476 41.80 19.19 44.65
N ALA A 477 42.90 19.61 45.30
CA ALA A 477 42.95 20.91 46.00
C ALA A 477 42.81 22.09 45.03
N VAL A 478 43.54 21.99 43.94
CA VAL A 478 43.54 22.97 42.87
C VAL A 478 42.18 23.05 42.16
N THR A 479 41.60 21.90 41.84
CA THR A 479 40.25 21.75 41.25
C THR A 479 39.19 22.32 42.21
N GLY A 480 39.32 22.01 43.52
CA GLY A 480 38.43 22.45 44.59
C GLY A 480 38.38 23.96 44.74
N ALA A 481 39.52 24.66 44.61
CA ALA A 481 39.61 26.14 44.66
C ALA A 481 38.76 26.79 43.53
N MET A 482 38.54 26.03 42.45
CA MET A 482 37.80 26.47 41.28
C MET A 482 36.30 26.20 41.41
N ILE A 483 35.90 25.51 42.50
CA ILE A 483 34.52 25.09 42.75
C ILE A 483 33.92 25.75 43.99
N ASP A 484 34.43 25.40 45.16
CA ASP A 484 33.93 25.85 46.46
C ASP A 484 35.08 25.94 47.42
N GLU A 485 35.04 26.96 48.30
CA GLU A 485 36.03 27.21 49.36
C GLU A 485 36.13 26.03 50.34
N ASP A 486 35.00 25.40 50.72
CA ASP A 486 34.99 24.26 51.65
C ASP A 486 35.59 23.01 51.01
N LEU A 487 35.52 22.89 49.67
CA LEU A 487 36.14 21.78 48.95
C LEU A 487 37.66 21.96 48.90
N LEU A 488 38.13 23.22 48.81
CA LEU A 488 39.55 23.58 48.85
C LEU A 488 40.13 23.25 50.22
N GLU A 489 39.49 23.72 51.31
CA GLU A 489 39.86 23.47 52.70
C GLU A 489 40.03 21.98 53.00
N LYS A 490 39.04 21.16 52.62
CA LYS A 490 39.04 19.71 52.80
C LYS A 490 40.22 19.05 52.07
N ALA A 491 40.48 19.45 50.81
CA ALA A 491 41.55 18.87 50.00
C ALA A 491 42.88 19.33 50.51
N ASN A 492 42.97 20.62 50.90
CA ASN A 492 44.16 21.23 51.48
C ASN A 492 44.57 20.48 52.76
N ASN A 493 43.59 20.04 53.60
CA ASN A 493 43.84 19.26 54.81
C ASN A 493 44.44 17.92 54.43
N LEU A 494 43.86 17.22 53.44
CA LEU A 494 44.39 15.94 52.95
C LEU A 494 45.84 16.05 52.46
N VAL A 495 46.20 17.11 51.70
CA VAL A 495 47.56 17.33 51.20
C VAL A 495 48.52 17.39 52.40
N ILE A 496 48.23 18.26 53.36
CA ILE A 496 49.06 18.43 54.53
C ILE A 496 49.17 17.15 55.33
N SER A 497 48.03 16.48 55.46
CA SER A 497 47.92 15.23 56.18
C SER A 497 48.76 14.17 55.48
N ILE A 498 48.81 14.25 54.15
CA ILE A 498 49.56 13.30 53.36
C ILE A 498 51.04 13.56 53.51
N LEU A 499 51.40 14.74 53.98
CA LEU A 499 52.80 15.06 54.15
C LEU A 499 53.42 14.54 55.46
N GLU A 500 53.57 13.21 55.47
CA GLU A 500 54.19 12.36 56.47
C GLU A 500 55.55 11.91 55.88
N HIS A 501 56.06 12.68 54.93
CA HIS A 501 57.30 12.48 54.25
C HIS A 501 58.45 12.79 55.16
N HIS A 502 59.58 12.15 54.91
CA HIS A 502 60.77 12.41 55.70
C HIS A 502 61.46 13.56 55.02
N HIS A 503 61.25 14.76 55.52
CA HIS A 503 61.85 15.94 54.96
C HIS A 503 62.99 16.41 55.86
N HIS A 504 64.16 15.78 55.87
CA HIS A 504 65.19 16.28 56.80
C HIS A 504 66.62 16.18 56.40
N HIS A 505 67.45 16.64 57.32
CA HIS A 505 68.88 16.63 57.19
C HIS A 505 69.41 15.32 57.75
#